data_7T5T
#
_entry.id   7T5T
#
_cell.length_a   95.309
_cell.length_b   95.309
_cell.length_c   104.915
_cell.angle_alpha   90.000
_cell.angle_beta   90.000
_cell.angle_gamma   90.000
#
_symmetry.space_group_name_H-M   'P 42 21 2'
#
loop_
_entity.id
_entity.type
_entity.pdbx_description
1 polymer 'CapP toxin'
2 non-polymer '2-[N-CYCLOHEXYLAMINO]ETHANE SULFONIC ACID'
3 non-polymer 'ZINC ION'
4 non-polymer 'SULFATE ION'
5 water water
#
_entity_poly.entity_id   1
_entity_poly.type   'polypeptide(L)'
_entity_poly.pdbx_seq_one_letter_code
;SNATDGGWTPQRAANRLVKVVEAVSVAHGIDRFPVDVPQLALECAHIFKWPDPITKVQAAAIKGFDGALFAGESRKEWLL
LYNDAVTSPGRMRFTQAHELGHYILHRMQRESFQCSDADMLNWSQDERDIEAQADLFASYLLMPLDDYRKQVTTDVDMDI
LGACAERYGVSLTAAVLKWLQYTDEKAVLVMSNDGFINWAWSSEPAARAGAFFRTRGNVIPLPEGSLAANPEILHDRHGT
KIPATVWFPHADPHIPLREMKIHAAQYDATLSLLWLPRSAEVWPPRERLEG
;
_entity_poly.pdbx_strand_id   A
#
loop_
_chem_comp.id
_chem_comp.type
_chem_comp.name
_chem_comp.formula
NHE non-polymer '2-[N-CYCLOHEXYLAMINO]ETHANE SULFONIC ACID' 'C8 H17 N O3 S'
SO4 non-polymer 'SULFATE ION' 'O4 S -2'
ZN non-polymer 'ZINC ION' 'Zn 2'
#
# COMPACT_ATOMS: atom_id res chain seq x y z
N TRP A 8 -11.09 14.82 11.87
CA TRP A 8 -11.03 13.38 11.55
C TRP A 8 -9.60 12.91 11.28
N THR A 9 -9.30 11.69 11.71
CA THR A 9 -8.04 11.03 11.41
C THR A 9 -8.29 9.87 10.45
N PRO A 10 -7.24 9.39 9.78
CA PRO A 10 -7.43 8.26 8.85
C PRO A 10 -8.10 7.08 9.52
N GLN A 11 -7.65 6.71 10.73
CA GLN A 11 -8.22 5.53 11.38
C GLN A 11 -9.66 5.77 11.81
N ARG A 12 -9.99 6.92 12.38
CA ARG A 12 -11.36 7.13 12.84
C ARG A 12 -12.33 7.23 11.67
N ALA A 13 -11.92 7.89 10.59
CA ALA A 13 -12.77 7.99 9.41
C ALA A 13 -12.98 6.62 8.77
N ALA A 14 -11.91 5.85 8.64
CA ALA A 14 -12.04 4.51 8.07
C ALA A 14 -12.91 3.62 8.95
N ASN A 15 -12.78 3.74 10.28
CA ASN A 15 -13.58 2.91 11.17
C ASN A 15 -15.05 3.14 10.92
N ARG A 16 -15.45 4.39 10.74
CA ARG A 16 -16.86 4.69 10.51
C ARG A 16 -17.32 4.08 9.19
N LEU A 17 -16.52 4.20 8.15
CA LEU A 17 -16.91 3.67 6.84
C LEU A 17 -16.88 2.15 6.80
N VAL A 18 -15.98 1.51 7.54
CA VAL A 18 -16.01 0.05 7.61
C VAL A 18 -17.34 -0.43 8.19
N LYS A 19 -17.87 0.28 9.19
CA LYS A 19 -19.17 -0.07 9.73
C LYS A 19 -20.26 0.08 8.67
N VAL A 20 -20.17 1.12 7.85
CA VAL A 20 -21.14 1.29 6.76
C VAL A 20 -21.06 0.11 5.80
N VAL A 21 -19.84 -0.25 5.40
CA VAL A 21 -19.66 -1.39 4.50
C VAL A 21 -20.27 -2.65 5.10
N GLU A 22 -20.03 -2.90 6.37
CA GLU A 22 -20.59 -4.10 7.00
C GLU A 22 -22.11 -4.07 6.91
N ALA A 23 -22.70 -2.95 7.28
CA ALA A 23 -24.15 -2.87 7.36
C ALA A 23 -24.79 -2.96 5.99
N VAL A 24 -24.23 -2.26 5.01
CA VAL A 24 -24.79 -2.28 3.65
C VAL A 24 -24.63 -3.66 3.04
N SER A 25 -23.50 -4.33 3.29
CA SER A 25 -23.28 -5.65 2.72
C SER A 25 -24.27 -6.65 3.28
N VAL A 26 -24.52 -6.60 4.59
CA VAL A 26 -25.49 -7.48 5.20
C VAL A 26 -26.86 -7.20 4.63
N ALA A 27 -27.21 -5.92 4.50
CA ALA A 27 -28.56 -5.58 4.04
C ALA A 27 -28.80 -6.08 2.62
N HIS A 28 -27.77 -6.03 1.77
CA HIS A 28 -27.87 -6.52 0.40
C HIS A 28 -27.62 -8.01 0.27
N GLY A 29 -27.13 -8.67 1.31
CA GLY A 29 -26.79 -10.08 1.22
C GLY A 29 -25.61 -10.36 0.33
N ILE A 30 -24.57 -9.53 0.38
CA ILE A 30 -23.38 -9.68 -0.46
C ILE A 30 -22.13 -9.63 0.40
N ASP A 31 -21.02 -10.05 -0.21
CA ASP A 31 -19.74 -10.01 0.47
C ASP A 31 -19.31 -8.58 0.75
N ARG A 32 -18.64 -8.39 1.89
CA ARG A 32 -18.09 -7.07 2.22
C ARG A 32 -16.98 -6.69 1.26
N PHE A 33 -16.11 -7.67 0.88
CA PHE A 33 -14.89 -7.37 0.16
C PHE A 33 -14.93 -7.97 -1.23
N PRO A 34 -14.31 -7.30 -2.22
CA PRO A 34 -13.66 -5.98 -2.07
C PRO A 34 -14.66 -4.85 -1.83
N VAL A 35 -14.19 -3.81 -1.13
CA VAL A 35 -15.05 -2.67 -0.86
C VAL A 35 -15.43 -1.97 -2.14
N ASP A 36 -16.72 -1.61 -2.26
CA ASP A 36 -17.25 -0.79 -3.36
C ASP A 36 -17.03 0.67 -3.01
N VAL A 37 -15.90 1.24 -3.46
CA VAL A 37 -15.55 2.59 -3.02
C VAL A 37 -16.45 3.65 -3.63
N PRO A 38 -16.81 3.57 -4.91
CA PRO A 38 -17.69 4.60 -5.47
C PRO A 38 -18.99 4.75 -4.69
N GLN A 39 -19.59 3.65 -4.25
CA GLN A 39 -20.83 3.73 -3.48
C GLN A 39 -20.62 4.52 -2.19
N LEU A 40 -19.51 4.27 -1.50
CA LEU A 40 -19.23 5.01 -0.29
C LEU A 40 -18.96 6.48 -0.59
N ALA A 41 -18.20 6.75 -1.66
CA ALA A 41 -17.88 8.14 -1.99
C ALA A 41 -19.14 8.96 -2.19
N LEU A 42 -20.12 8.41 -2.92
CA LEU A 42 -21.36 9.12 -3.18
C LEU A 42 -22.18 9.33 -1.93
N GLU A 43 -22.03 8.47 -0.92
CA GLU A 43 -22.73 8.62 0.35
C GLU A 43 -21.91 9.35 1.41
N CYS A 44 -20.68 9.75 1.11
CA CYS A 44 -19.77 10.17 2.17
C CYS A 44 -20.26 11.43 2.88
N ALA A 45 -20.76 12.41 2.13
CA ALA A 45 -21.27 13.62 2.80
C ALA A 45 -22.45 13.30 3.70
N HIS A 46 -23.29 12.34 3.31
CA HIS A 46 -24.38 11.96 4.19
C HIS A 46 -23.85 11.28 5.45
N ILE A 47 -22.86 10.40 5.27
CA ILE A 47 -22.31 9.63 6.39
C ILE A 47 -21.63 10.53 7.40
N PHE A 48 -20.98 11.59 6.94
CA PHE A 48 -20.25 12.49 7.81
C PHE A 48 -20.98 13.81 8.04
N LYS A 49 -22.21 13.94 7.55
CA LYS A 49 -23.07 15.09 7.87
C LYS A 49 -22.50 16.41 7.34
N TRP A 50 -22.18 16.41 6.04
CA TRP A 50 -21.60 17.56 5.36
C TRP A 50 -22.47 18.02 4.19
N PRO A 51 -22.39 19.30 3.83
CA PRO A 51 -23.28 19.82 2.79
C PRO A 51 -22.76 19.76 1.37
N ASP A 52 -21.50 19.37 1.15
CA ASP A 52 -20.83 19.47 -0.15
C ASP A 52 -20.40 18.07 -0.58
N PRO A 53 -21.30 17.33 -1.23
CA PRO A 53 -21.01 15.91 -1.54
C PRO A 53 -20.09 15.70 -2.73
N ILE A 54 -19.50 14.52 -2.76
CA ILE A 54 -18.98 13.97 -4.01
C ILE A 54 -20.18 13.56 -4.83
N THR A 55 -20.35 14.16 -6.02
CA THR A 55 -21.50 13.89 -6.86
C THR A 55 -21.20 13.07 -8.10
N LYS A 56 -19.94 12.79 -8.38
CA LYS A 56 -19.56 12.04 -9.57
C LYS A 56 -18.25 11.33 -9.26
N VAL A 57 -18.20 10.03 -9.54
CA VAL A 57 -17.00 9.22 -9.49
C VAL A 57 -16.82 8.68 -10.89
N GLN A 58 -15.79 9.12 -11.58
CA GLN A 58 -15.70 8.91 -13.03
C GLN A 58 -14.34 8.37 -13.42
N ALA A 59 -14.35 7.31 -14.25
CA ALA A 59 -13.15 6.78 -14.85
C ALA A 59 -12.73 7.65 -16.02
N ALA A 60 -11.42 7.80 -16.19
CA ALA A 60 -10.87 8.52 -17.33
C ALA A 60 -9.48 7.99 -17.61
N ALA A 61 -9.04 8.14 -18.86
CA ALA A 61 -7.63 7.86 -19.18
C ALA A 61 -6.82 9.09 -18.80
N ILE A 62 -6.03 9.02 -17.75
CA ILE A 62 -5.31 10.18 -17.24
C ILE A 62 -3.82 9.98 -17.49
N LYS A 63 -3.18 11.01 -18.03
CA LYS A 63 -1.73 11.04 -18.24
C LYS A 63 -1.09 11.84 -17.12
N GLY A 64 -0.09 11.24 -16.48
CA GLY A 64 0.72 11.94 -15.51
C GLY A 64 0.28 11.82 -14.07
N PHE A 65 -0.91 11.34 -13.82
CA PHE A 65 -1.35 11.08 -12.45
C PHE A 65 -2.43 10.02 -12.54
N ASP A 66 -2.76 9.45 -11.37
CA ASP A 66 -3.69 8.33 -11.31
C ASP A 66 -5.06 8.69 -10.76
N GLY A 67 -5.17 9.75 -9.98
CA GLY A 67 -6.48 10.09 -9.41
C GLY A 67 -6.54 11.56 -9.08
N ALA A 68 -7.75 12.05 -8.91
CA ALA A 68 -7.93 13.47 -8.61
C ALA A 68 -9.26 13.66 -7.90
N LEU A 69 -9.32 14.76 -7.15
CA LEU A 69 -10.53 15.22 -6.48
C LEU A 69 -10.61 16.72 -6.76
N PHE A 70 -11.65 17.14 -7.49
CA PHE A 70 -11.82 18.53 -7.90
C PHE A 70 -13.08 19.12 -7.27
N ALA A 71 -12.93 20.27 -6.58
CA ALA A 71 -14.10 21.00 -6.09
C ALA A 71 -14.82 21.62 -7.27
N GLY A 72 -16.14 21.60 -7.23
CA GLY A 72 -16.94 22.24 -8.26
C GLY A 72 -17.05 23.74 -8.01
N GLU A 73 -17.90 24.37 -8.81
CA GLU A 73 -18.07 25.82 -8.70
C GLU A 73 -18.65 26.14 -7.32
N SER A 74 -17.98 27.07 -6.63
CA SER A 74 -18.34 27.47 -5.27
C SER A 74 -18.24 26.34 -4.27
N ARG A 75 -17.47 25.28 -4.59
CA ARG A 75 -17.14 24.24 -3.62
C ARG A 75 -18.39 23.58 -3.04
N LYS A 76 -19.46 23.52 -3.84
CA LYS A 76 -20.69 22.89 -3.37
C LYS A 76 -20.76 21.40 -3.70
N GLU A 77 -19.89 20.91 -4.59
CA GLU A 77 -19.85 19.49 -4.94
C GLU A 77 -18.44 19.18 -5.40
N TRP A 78 -18.13 17.88 -5.41
CA TRP A 78 -16.80 17.40 -5.73
C TRP A 78 -16.88 16.30 -6.77
N LEU A 79 -15.87 16.27 -7.64
CA LEU A 79 -15.69 15.26 -8.68
C LEU A 79 -14.49 14.41 -8.30
N LEU A 80 -14.66 13.10 -8.28
CA LEU A 80 -13.58 12.15 -8.02
C LEU A 80 -13.28 11.48 -9.36
N LEU A 81 -12.10 11.77 -9.92
CA LEU A 81 -11.67 11.22 -11.19
C LEU A 81 -10.59 10.16 -10.93
N TYR A 82 -10.69 9.02 -11.58
CA TYR A 82 -9.69 7.98 -11.41
C TYR A 82 -9.26 7.43 -12.76
N ASN A 83 -7.96 7.18 -12.88
CA ASN A 83 -7.42 6.65 -14.13
C ASN A 83 -7.82 5.20 -14.33
N ASP A 84 -8.20 4.87 -15.56
CA ASP A 84 -8.55 3.51 -15.91
C ASP A 84 -7.74 3.00 -17.10
N ALA A 85 -6.69 3.72 -17.49
CA ALA A 85 -5.84 3.32 -18.61
C ALA A 85 -4.51 2.75 -18.13
N VAL A 86 -4.10 1.61 -18.72
CA VAL A 86 -2.84 0.97 -18.39
C VAL A 86 -2.70 0.79 -16.88
N THR A 87 -3.71 0.20 -16.26
CA THR A 87 -3.71 0.00 -14.81
C THR A 87 -4.41 -1.31 -14.50
N SER A 88 -4.93 -1.44 -13.29
CA SER A 88 -5.54 -2.67 -12.82
C SER A 88 -6.72 -2.33 -11.92
N PRO A 89 -7.66 -3.25 -11.76
CA PRO A 89 -8.77 -3.00 -10.82
C PRO A 89 -8.27 -2.68 -9.42
N GLY A 90 -7.22 -3.34 -8.96
CA GLY A 90 -6.71 -3.08 -7.62
C GLY A 90 -6.10 -1.70 -7.48
N ARG A 91 -5.43 -1.22 -8.51
CA ARG A 91 -4.91 0.15 -8.46
C ARG A 91 -6.04 1.16 -8.49
N MET A 92 -7.07 0.90 -9.31
CA MET A 92 -8.20 1.82 -9.38
C MET A 92 -8.91 1.93 -8.04
N ARG A 93 -9.15 0.79 -7.39
CA ARG A 93 -9.86 0.81 -6.11
C ARG A 93 -9.06 1.57 -5.06
N PHE A 94 -7.75 1.35 -5.03
CA PHE A 94 -6.93 2.08 -4.06
C PHE A 94 -6.92 3.57 -4.37
N THR A 95 -6.82 3.95 -5.64
CA THR A 95 -6.88 5.37 -5.99
C THR A 95 -8.18 5.99 -5.56
N GLN A 96 -9.29 5.29 -5.77
CA GLN A 96 -10.58 5.83 -5.36
C GLN A 96 -10.61 6.05 -3.86
N ALA A 97 -10.12 5.08 -3.09
CA ALA A 97 -10.11 5.21 -1.64
C ALA A 97 -9.17 6.33 -1.19
N HIS A 98 -8.03 6.47 -1.86
CA HIS A 98 -7.09 7.54 -1.56
C HIS A 98 -7.72 8.91 -1.76
N GLU A 99 -8.42 9.10 -2.89
CA GLU A 99 -9.09 10.38 -3.13
C GLU A 99 -10.22 10.62 -2.13
N LEU A 100 -10.94 9.55 -1.78
CA LEU A 100 -11.94 9.68 -0.71
C LEU A 100 -11.31 10.12 0.60
N GLY A 101 -10.09 9.63 0.88
CA GLY A 101 -9.34 10.11 2.04
C GLY A 101 -9.08 11.61 1.99
N HIS A 102 -8.69 12.14 0.83
CA HIS A 102 -8.52 13.59 0.72
C HIS A 102 -9.83 14.31 0.97
N TYR A 103 -10.93 13.79 0.42
CA TYR A 103 -12.23 14.41 0.64
C TYR A 103 -12.54 14.53 2.13
N ILE A 104 -12.38 13.44 2.87
CA ILE A 104 -12.72 13.41 4.30
C ILE A 104 -11.73 14.25 5.11
N LEU A 105 -10.44 14.14 4.82
CA LEU A 105 -9.42 14.59 5.74
C LEU A 105 -8.82 15.94 5.40
N HIS A 106 -8.80 16.32 4.12
CA HIS A 106 -7.96 17.41 3.66
C HIS A 106 -8.66 18.46 2.79
N ARG A 107 -9.94 18.29 2.47
CA ARG A 107 -10.53 19.08 1.40
C ARG A 107 -10.66 20.56 1.73
N MET A 108 -10.63 20.95 3.00
CA MET A 108 -10.65 22.38 3.31
C MET A 108 -9.30 23.04 3.08
N GLN A 109 -8.25 22.27 2.78
CA GLN A 109 -6.93 22.83 2.57
C GLN A 109 -6.66 23.29 1.15
N ARG A 110 -7.39 22.75 0.17
CA ARG A 110 -7.07 22.98 -1.23
C ARG A 110 -8.36 23.00 -2.04
N GLU A 111 -8.24 23.48 -3.28
CA GLU A 111 -9.34 23.46 -4.22
C GLU A 111 -9.39 22.18 -5.03
N SER A 112 -8.30 21.42 -5.03
CA SER A 112 -8.23 20.18 -5.80
C SER A 112 -6.99 19.41 -5.36
N PHE A 113 -6.99 18.13 -5.72
CA PHE A 113 -5.90 17.20 -5.49
C PHE A 113 -5.68 16.41 -6.76
N GLN A 114 -4.43 16.28 -7.20
CA GLN A 114 -4.04 15.42 -8.31
C GLN A 114 -2.88 14.57 -7.82
N CYS A 115 -3.01 13.25 -7.97
CA CYS A 115 -2.18 12.31 -7.22
C CYS A 115 -1.63 11.24 -8.14
N SER A 116 -0.32 11.02 -8.05
CA SER A 116 0.38 10.10 -8.92
C SER A 116 0.46 8.69 -8.32
N ASP A 117 0.91 7.72 -9.15
CA ASP A 117 1.21 6.40 -8.61
C ASP A 117 2.16 6.49 -7.43
N ALA A 118 3.18 7.35 -7.53
CA ALA A 118 4.13 7.49 -6.43
C ALA A 118 3.41 7.92 -5.15
N ASP A 119 2.44 8.81 -5.26
CA ASP A 119 1.68 9.20 -4.08
C ASP A 119 0.98 8.00 -3.46
N MET A 120 0.53 7.05 -4.27
CA MET A 120 -0.20 5.89 -3.76
C MET A 120 0.73 4.88 -3.09
N LEU A 121 2.03 4.95 -3.35
CA LEU A 121 3.02 4.04 -2.77
C LEU A 121 3.68 4.62 -1.54
N ASN A 122 3.47 5.89 -1.27
CA ASN A 122 4.19 6.61 -0.23
C ASN A 122 3.48 6.47 1.11
N TRP A 123 3.35 5.26 1.58
CA TRP A 123 2.75 5.06 2.88
C TRP A 123 3.81 5.42 3.90
N SER A 124 3.43 6.23 4.86
CA SER A 124 4.27 6.54 6.00
C SER A 124 3.35 6.93 7.13
N GLN A 125 3.93 7.09 8.31
CA GLN A 125 3.20 7.49 9.50
C GLN A 125 3.34 8.99 9.78
N ASP A 126 3.89 9.78 8.86
CA ASP A 126 4.05 11.21 9.07
C ASP A 126 2.69 11.88 8.85
N GLU A 127 2.10 12.45 9.91
CA GLU A 127 0.76 13.00 9.80
C GLU A 127 0.71 14.29 8.98
N ARG A 128 1.85 14.94 8.74
CA ARG A 128 1.86 16.16 7.93
C ARG A 128 1.98 15.89 6.44
N ASP A 129 2.17 14.63 6.05
CA ASP A 129 2.25 14.21 4.65
C ASP A 129 0.85 13.79 4.25
N ILE A 130 0.14 14.65 3.52
CA ILE A 130 -1.26 14.33 3.24
C ILE A 130 -1.42 13.15 2.31
N GLU A 131 -0.42 12.89 1.46
CA GLU A 131 -0.47 11.73 0.58
C GLU A 131 -0.35 10.45 1.39
N ALA A 132 0.60 10.41 2.32
CA ALA A 132 0.71 9.28 3.23
C ALA A 132 -0.56 9.11 4.04
N GLN A 133 -1.16 10.20 4.52
CA GLN A 133 -2.37 10.08 5.32
C GLN A 133 -3.53 9.51 4.50
N ALA A 134 -3.67 9.94 3.23
CA ALA A 134 -4.69 9.36 2.37
C ALA A 134 -4.42 7.88 2.09
N ASP A 135 -3.16 7.50 1.97
CA ASP A 135 -2.82 6.08 1.81
C ASP A 135 -3.17 5.28 3.05
N LEU A 136 -2.88 5.83 4.24
CA LEU A 136 -3.23 5.10 5.46
C LEU A 136 -4.73 4.91 5.54
N PHE A 137 -5.49 5.98 5.26
CA PHE A 137 -6.94 5.86 5.21
C PHE A 137 -7.37 4.73 4.27
N ALA A 138 -6.83 4.74 3.04
CA ALA A 138 -7.22 3.71 2.08
C ALA A 138 -6.88 2.31 2.59
N SER A 139 -5.72 2.16 3.21
CA SER A 139 -5.35 0.86 3.77
C SER A 139 -6.31 0.42 4.89
N TYR A 140 -6.75 1.34 5.73
CA TYR A 140 -7.66 0.98 6.81
C TYR A 140 -9.04 0.65 6.30
N LEU A 141 -9.49 1.33 5.24
CA LEU A 141 -10.82 1.09 4.69
C LEU A 141 -10.87 -0.21 3.91
N LEU A 142 -9.88 -0.41 3.03
CA LEU A 142 -9.93 -1.53 2.11
C LEU A 142 -9.51 -2.84 2.73
N MET A 143 -8.66 -2.78 3.77
CA MET A 143 -8.04 -3.96 4.37
C MET A 143 -8.13 -3.82 5.89
N PRO A 144 -9.34 -3.85 6.44
CA PRO A 144 -9.47 -3.70 7.91
C PRO A 144 -8.70 -4.79 8.61
N LEU A 145 -7.89 -4.40 9.59
CA LEU A 145 -6.91 -5.32 10.19
C LEU A 145 -7.59 -6.53 10.84
N ASP A 146 -8.75 -6.33 11.46
CA ASP A 146 -9.47 -7.44 12.07
C ASP A 146 -9.64 -8.59 11.08
N ASP A 147 -10.00 -8.25 9.84
CA ASP A 147 -10.19 -9.27 8.82
C ASP A 147 -8.87 -9.68 8.19
N TYR A 148 -8.00 -8.71 7.92
CA TYR A 148 -6.73 -9.03 7.25
C TYR A 148 -5.89 -10.00 8.06
N ARG A 149 -5.85 -9.81 9.40
CA ARG A 149 -5.05 -10.70 10.25
C ARG A 149 -5.43 -12.16 10.05
N LYS A 150 -6.71 -12.44 9.77
CA LYS A 150 -7.16 -13.80 9.59
C LYS A 150 -6.63 -14.45 8.32
N GLN A 151 -6.05 -13.65 7.42
CA GLN A 151 -5.55 -14.17 6.16
C GLN A 151 -4.08 -14.56 6.22
N VAL A 152 -3.37 -14.16 7.28
CA VAL A 152 -1.93 -14.42 7.43
C VAL A 152 -1.73 -15.01 8.82
N THR A 153 -1.58 -16.34 8.88
CA THR A 153 -1.50 -17.01 10.18
C THR A 153 -0.17 -17.71 10.38
N THR A 154 0.03 -18.85 9.74
CA THR A 154 1.19 -19.68 10.07
C THR A 154 2.41 -19.42 9.20
N ASP A 155 2.25 -18.73 8.08
CA ASP A 155 3.36 -18.54 7.16
C ASP A 155 3.09 -17.27 6.37
N VAL A 156 4.14 -16.74 5.77
CA VAL A 156 4.03 -15.60 4.88
C VAL A 156 4.84 -15.90 3.63
N ASP A 157 4.25 -15.65 2.48
CA ASP A 157 4.93 -15.82 1.20
C ASP A 157 4.11 -15.03 0.20
N MET A 158 4.60 -14.97 -1.03
CA MET A 158 3.90 -14.18 -2.04
C MET A 158 2.57 -14.78 -2.45
N ASP A 159 2.38 -16.09 -2.27
CA ASP A 159 1.07 -16.69 -2.55
C ASP A 159 0.05 -16.23 -1.53
N ILE A 160 0.41 -16.26 -0.25
CA ILE A 160 -0.47 -15.82 0.83
C ILE A 160 -0.81 -14.34 0.65
N LEU A 161 0.20 -13.51 0.39
CA LEU A 161 -0.08 -12.09 0.21
C LEU A 161 -0.82 -11.81 -1.09
N GLY A 162 -0.58 -12.61 -2.14
CA GLY A 162 -1.37 -12.48 -3.35
C GLY A 162 -2.83 -12.79 -3.11
N ALA A 163 -3.11 -13.77 -2.26
CA ALA A 163 -4.50 -14.08 -1.94
C ALA A 163 -5.15 -12.92 -1.19
N CYS A 164 -4.40 -12.25 -0.32
CA CYS A 164 -4.93 -11.04 0.30
C CYS A 164 -5.27 -9.99 -0.76
N ALA A 165 -4.36 -9.78 -1.72
CA ALA A 165 -4.61 -8.80 -2.75
C ALA A 165 -5.89 -9.10 -3.50
N GLU A 166 -6.12 -10.37 -3.85
CA GLU A 166 -7.34 -10.75 -4.53
C GLU A 166 -8.55 -10.54 -3.64
N ARG A 167 -8.44 -10.92 -2.36
CA ARG A 167 -9.61 -10.82 -1.48
C ARG A 167 -10.06 -9.37 -1.30
N TYR A 168 -9.12 -8.45 -1.09
CA TYR A 168 -9.45 -7.04 -0.85
C TYR A 168 -9.49 -6.20 -2.12
N GLY A 169 -9.18 -6.79 -3.27
CA GLY A 169 -9.24 -6.07 -4.51
C GLY A 169 -8.23 -4.95 -4.62
N VAL A 170 -6.99 -5.20 -4.20
CA VAL A 170 -5.91 -4.23 -4.24
C VAL A 170 -4.74 -4.87 -4.97
N SER A 171 -3.71 -4.06 -5.21
CA SER A 171 -2.51 -4.59 -5.83
C SER A 171 -1.74 -5.49 -4.87
N LEU A 172 -0.87 -6.34 -5.43
CA LEU A 172 -0.01 -7.12 -4.56
C LEU A 172 0.83 -6.19 -3.68
N THR A 173 1.37 -5.12 -4.27
CA THR A 173 2.19 -4.20 -3.49
C THR A 173 1.42 -3.67 -2.28
N ALA A 174 0.17 -3.23 -2.49
CA ALA A 174 -0.62 -2.71 -1.38
C ALA A 174 -0.85 -3.80 -0.31
N ALA A 175 -1.10 -5.05 -0.73
CA ALA A 175 -1.29 -6.12 0.25
C ALA A 175 -0.02 -6.35 1.07
N VAL A 176 1.15 -6.28 0.43
CA VAL A 176 2.39 -6.46 1.17
C VAL A 176 2.61 -5.29 2.14
N LEU A 177 2.35 -4.05 1.67
CA LEU A 177 2.51 -2.89 2.54
C LEU A 177 1.61 -2.99 3.76
N LYS A 178 0.40 -3.49 3.58
CA LYS A 178 -0.49 -3.67 4.72
C LYS A 178 0.12 -4.62 5.75
N TRP A 179 0.66 -5.76 5.28
CA TRP A 179 1.31 -6.68 6.19
C TRP A 179 2.48 -6.01 6.92
N LEU A 180 3.34 -5.31 6.18
CA LEU A 180 4.45 -4.62 6.82
C LEU A 180 4.00 -3.57 7.84
N GLN A 181 2.81 -2.99 7.63
CA GLN A 181 2.32 -1.97 8.54
C GLN A 181 2.13 -2.52 9.94
N TYR A 182 1.73 -3.78 10.09
CA TYR A 182 1.39 -4.28 11.40
C TYR A 182 2.23 -5.46 11.89
N THR A 183 2.93 -6.19 11.02
CA THR A 183 3.54 -7.45 11.42
C THR A 183 4.59 -7.24 12.50
N ASP A 184 4.72 -8.24 13.37
CA ASP A 184 5.83 -8.34 14.31
C ASP A 184 7.07 -8.96 13.67
N GLU A 185 7.00 -9.43 12.44
CA GLU A 185 8.19 -9.93 11.77
C GLU A 185 9.07 -8.77 11.30
N LYS A 186 10.36 -9.06 11.14
CA LYS A 186 11.33 -8.15 10.52
C LYS A 186 11.36 -8.46 9.03
N ALA A 187 10.81 -7.55 8.24
CA ALA A 187 10.74 -7.73 6.79
C ALA A 187 10.84 -6.40 6.09
N VAL A 188 11.35 -6.44 4.86
CA VAL A 188 11.58 -5.27 4.02
C VAL A 188 11.11 -5.60 2.61
N LEU A 189 10.26 -4.74 2.04
CA LEU A 189 9.87 -4.82 0.65
C LEU A 189 10.71 -3.82 -0.14
N VAL A 190 11.27 -4.27 -1.25
CA VAL A 190 12.08 -3.47 -2.17
C VAL A 190 11.45 -3.54 -3.54
N MET A 191 11.16 -2.39 -4.13
CA MET A 191 10.65 -2.33 -5.50
C MET A 191 11.79 -1.82 -6.37
N SER A 192 12.08 -2.54 -7.44
CA SER A 192 13.19 -2.20 -8.32
C SER A 192 12.76 -2.28 -9.77
N ASN A 193 13.54 -1.62 -10.63
CA ASN A 193 13.32 -1.60 -12.06
C ASN A 193 14.69 -1.61 -12.72
N ASP A 194 14.91 -2.52 -13.66
CA ASP A 194 16.11 -2.51 -14.49
C ASP A 194 17.38 -2.62 -13.65
N GLY A 195 17.29 -3.27 -12.51
CA GLY A 195 18.46 -3.49 -11.67
C GLY A 195 18.69 -2.46 -10.58
N PHE A 196 17.79 -1.49 -10.43
CA PHE A 196 18.00 -0.41 -9.48
C PHE A 196 16.80 -0.26 -8.55
N ILE A 197 17.10 0.01 -7.28
CA ILE A 197 16.07 0.15 -6.26
C ILE A 197 15.39 1.50 -6.42
N ASN A 198 14.07 1.49 -6.46
CA ASN A 198 13.29 2.72 -6.50
C ASN A 198 12.55 3.03 -5.21
N TRP A 199 12.07 2.01 -4.50
CA TRP A 199 11.38 2.20 -3.24
C TRP A 199 11.78 1.09 -2.29
N ALA A 200 11.76 1.40 -0.99
CA ALA A 200 11.86 0.36 0.03
C ALA A 200 10.99 0.75 1.22
N TRP A 201 10.42 -0.27 1.87
CA TRP A 201 9.55 -0.10 3.01
C TRP A 201 9.83 -1.22 3.99
N SER A 202 9.95 -0.90 5.27
CA SER A 202 10.27 -1.85 6.31
C SER A 202 9.14 -2.00 7.31
N SER A 203 8.97 -3.21 7.83
CA SER A 203 8.13 -3.39 9.00
C SER A 203 8.74 -2.60 10.15
N GLU A 204 7.93 -2.33 11.16
CA GLU A 204 8.44 -1.58 12.31
C GLU A 204 9.57 -2.34 13.00
N PRO A 205 9.48 -3.65 13.25
CA PRO A 205 10.65 -4.34 13.85
C PRO A 205 11.89 -4.27 12.99
N ALA A 206 11.75 -4.35 11.66
CA ALA A 206 12.91 -4.21 10.79
C ALA A 206 13.51 -2.81 10.92
N ALA A 207 12.67 -1.77 10.89
CA ALA A 207 13.20 -0.41 10.98
C ALA A 207 13.93 -0.19 12.30
N ARG A 208 13.37 -0.71 13.40
CA ARG A 208 14.02 -0.56 14.70
C ARG A 208 15.38 -1.24 14.73
N ALA A 209 15.55 -2.31 13.97
CA ALA A 209 16.76 -3.11 13.92
C ALA A 209 17.74 -2.63 12.85
N GLY A 210 17.47 -1.53 12.17
CA GLY A 210 18.39 -0.98 11.20
C GLY A 210 18.19 -1.48 9.79
N ALA A 211 17.17 -2.29 9.57
CA ALA A 211 16.94 -2.92 8.27
C ALA A 211 15.96 -2.08 7.49
N PHE A 212 16.49 -1.07 6.80
CA PHE A 212 15.71 -0.15 5.99
C PHE A 212 16.64 0.44 4.94
N PHE A 213 16.04 0.96 3.88
CA PHE A 213 16.77 1.71 2.87
C PHE A 213 16.06 3.02 2.59
N ARG A 214 16.76 4.14 2.81
CA ARG A 214 16.37 5.45 2.28
C ARG A 214 16.52 5.47 0.76
N THR A 215 15.60 6.12 0.07
CA THR A 215 15.69 6.29 -1.38
C THR A 215 15.51 7.78 -1.68
N ASN A 218 17.58 8.81 -4.47
CA ASN A 218 18.74 8.10 -4.99
C ASN A 218 18.29 6.80 -5.64
N VAL A 219 18.98 6.43 -6.72
CA VAL A 219 18.73 5.20 -7.45
C VAL A 219 19.98 4.34 -7.32
N ILE A 220 19.82 3.19 -6.67
CA ILE A 220 20.90 2.46 -6.01
C ILE A 220 20.87 1.06 -6.61
N PRO A 221 22.00 0.51 -7.05
CA PRO A 221 21.93 -0.84 -7.65
C PRO A 221 21.57 -1.92 -6.63
N LEU A 222 20.86 -2.94 -7.11
CA LEU A 222 20.57 -4.09 -6.28
C LEU A 222 21.88 -4.81 -5.90
N PRO A 223 21.88 -5.58 -4.82
CA PRO A 223 23.09 -6.37 -4.50
C PRO A 223 23.39 -7.36 -5.61
N GLU A 224 24.66 -7.45 -5.98
CA GLU A 224 25.02 -8.27 -7.14
C GLU A 224 24.71 -9.76 -6.93
N GLY A 225 24.73 -10.23 -5.69
CA GLY A 225 24.45 -11.60 -5.37
C GLY A 225 23.01 -11.88 -4.99
N SER A 226 22.14 -10.89 -5.01
CA SER A 226 20.73 -11.10 -4.67
C SER A 226 20.00 -11.88 -5.77
N LEU A 227 18.91 -12.53 -5.37
CA LEU A 227 18.02 -13.08 -6.39
C LEU A 227 17.43 -11.98 -7.25
N ALA A 228 17.18 -10.81 -6.64
CA ALA A 228 16.57 -9.69 -7.35
C ALA A 228 17.38 -9.30 -8.57
N ALA A 229 18.71 -9.32 -8.45
CA ALA A 229 19.59 -8.81 -9.48
C ALA A 229 19.74 -9.77 -10.64
N ASN A 230 19.29 -10.99 -10.48
CA ASN A 230 19.44 -11.91 -11.59
C ASN A 230 18.23 -11.86 -12.51
N PRO A 231 18.36 -11.23 -13.69
CA PRO A 231 17.21 -11.19 -14.63
C PRO A 231 16.67 -12.56 -15.00
N GLU A 232 17.49 -13.61 -14.86
CA GLU A 232 17.05 -14.94 -15.24
C GLU A 232 16.04 -15.52 -14.24
N ILE A 233 16.15 -15.18 -12.97
CA ILE A 233 15.20 -15.64 -11.96
C ILE A 233 13.96 -14.78 -12.07
N LEU A 234 12.87 -15.35 -12.58
CA LEU A 234 11.67 -14.56 -12.80
C LEU A 234 10.87 -14.41 -11.52
N HIS A 235 10.83 -15.45 -10.69
CA HIS A 235 10.09 -15.36 -9.45
C HIS A 235 10.59 -16.39 -8.46
N ASP A 236 10.39 -16.10 -7.18
CA ASP A 236 10.64 -17.02 -6.06
C ASP A 236 9.59 -16.66 -5.02
N ARG A 237 8.46 -17.36 -5.06
CA ARG A 237 7.34 -16.91 -4.27
C ARG A 237 7.47 -17.23 -2.79
N HIS A 238 8.24 -18.25 -2.42
CA HIS A 238 8.38 -18.65 -1.02
C HIS A 238 9.67 -18.19 -0.38
N GLY A 239 10.71 -17.91 -1.16
CA GLY A 239 11.88 -17.25 -0.64
C GLY A 239 13.07 -18.14 -0.39
N THR A 240 14.16 -17.84 -1.06
CA THR A 240 15.38 -18.63 -0.94
C THR A 240 16.20 -18.10 0.23
N LYS A 241 16.74 -19.02 1.02
CA LYS A 241 17.57 -18.68 2.17
C LYS A 241 18.99 -18.36 1.72
N ILE A 242 19.43 -17.14 2.02
CA ILE A 242 20.74 -16.62 1.64
C ILE A 242 21.31 -15.86 2.83
N PRO A 243 22.59 -15.49 2.82
CA PRO A 243 23.13 -14.71 3.94
C PRO A 243 22.49 -13.31 4.01
N ALA A 244 22.14 -12.90 5.22
CA ALA A 244 21.60 -11.56 5.40
C ALA A 244 22.55 -10.47 4.93
N THR A 245 23.86 -10.72 5.02
CA THR A 245 24.85 -9.74 4.58
C THR A 245 24.77 -9.42 3.09
N VAL A 246 24.09 -10.25 2.30
CA VAL A 246 23.90 -9.88 0.90
C VAL A 246 23.18 -8.54 0.80
N TRP A 247 22.22 -8.29 1.68
CA TRP A 247 21.44 -7.07 1.67
C TRP A 247 21.78 -6.11 2.80
N PHE A 248 22.25 -6.61 3.94
CA PHE A 248 22.47 -5.82 5.14
C PHE A 248 23.88 -6.12 5.59
N PRO A 249 24.85 -5.30 5.17
CA PRO A 249 26.26 -5.73 5.30
C PRO A 249 26.74 -5.85 6.72
N HIS A 250 26.08 -5.19 7.68
CA HIS A 250 26.50 -5.25 9.07
C HIS A 250 25.80 -6.35 9.86
N ALA A 251 24.97 -7.16 9.21
CA ALA A 251 24.41 -8.32 9.88
C ALA A 251 25.54 -9.28 10.27
N ASP A 252 25.36 -9.99 11.37
CA ASP A 252 26.33 -11.02 11.72
C ASP A 252 26.42 -12.04 10.59
N PRO A 253 27.61 -12.61 10.36
CA PRO A 253 27.83 -13.35 9.11
C PRO A 253 27.01 -14.62 8.96
N HIS A 254 26.53 -15.23 10.04
CA HIS A 254 25.82 -16.49 9.95
C HIS A 254 24.30 -16.32 9.93
N ILE A 255 23.82 -15.10 9.96
CA ILE A 255 22.37 -14.84 9.98
C ILE A 255 21.81 -15.06 8.58
N PRO A 256 20.76 -15.85 8.44
CA PRO A 256 20.12 -16.01 7.13
C PRO A 256 19.05 -14.95 6.91
N LEU A 257 18.59 -14.91 5.67
CA LEU A 257 17.47 -14.11 5.24
C LEU A 257 16.77 -14.89 4.14
N ARG A 258 15.46 -14.80 4.07
CA ARG A 258 14.73 -15.37 2.94
C ARG A 258 14.37 -14.26 1.98
N GLU A 259 14.74 -14.44 0.72
CA GLU A 259 14.50 -13.44 -0.32
C GLU A 259 13.45 -13.98 -1.29
N MET A 260 12.29 -13.37 -1.30
CA MET A 260 11.27 -13.63 -2.29
C MET A 260 11.40 -12.65 -3.45
N LYS A 261 10.90 -13.06 -4.60
CA LYS A 261 10.94 -12.25 -5.80
C LYS A 261 9.69 -12.49 -6.62
N ILE A 262 9.11 -11.42 -7.16
CA ILE A 262 8.00 -11.58 -8.07
C ILE A 262 7.93 -10.36 -8.97
N HIS A 263 7.50 -10.55 -10.20
CA HIS A 263 7.25 -9.42 -11.07
C HIS A 263 5.92 -8.79 -10.67
N ALA A 264 5.93 -7.48 -10.44
CA ALA A 264 4.70 -6.75 -10.11
C ALA A 264 4.08 -6.33 -11.43
N ALA A 265 3.16 -7.16 -11.92
CA ALA A 265 2.48 -6.84 -13.17
C ALA A 265 1.76 -5.50 -13.08
N GLN A 266 1.10 -5.22 -11.95
CA GLN A 266 0.30 -4.01 -11.84
C GLN A 266 1.15 -2.74 -11.88
N TYR A 267 2.44 -2.82 -11.53
CA TYR A 267 3.33 -1.67 -11.61
C TYR A 267 4.47 -1.84 -12.61
N ASP A 268 4.53 -2.97 -13.31
CA ASP A 268 5.65 -3.31 -14.19
C ASP A 268 6.99 -3.01 -13.53
N ALA A 269 7.23 -3.71 -12.43
CA ALA A 269 8.48 -3.59 -11.67
C ALA A 269 8.71 -4.92 -10.99
N THR A 270 9.84 -5.03 -10.29
CA THR A 270 10.18 -6.23 -9.53
C THR A 270 10.02 -5.97 -8.05
N LEU A 271 9.36 -6.88 -7.36
CA LEU A 271 9.23 -6.81 -5.92
C LEU A 271 10.14 -7.85 -5.28
N SER A 272 10.86 -7.44 -4.24
CA SER A 272 11.68 -8.31 -3.42
C SER A 272 11.22 -8.16 -1.99
N LEU A 273 10.80 -9.26 -1.38
CA LEU A 273 10.40 -9.25 0.02
C LEU A 273 11.44 -10.02 0.81
N LEU A 274 12.11 -9.34 1.71
CA LEU A 274 13.20 -9.86 2.50
C LEU A 274 12.68 -10.13 3.91
N TRP A 275 12.90 -11.35 4.39
CA TRP A 275 12.41 -11.75 5.69
C TRP A 275 13.61 -12.14 6.55
N LEU A 276 13.83 -11.42 7.63
CA LEU A 276 14.93 -11.65 8.57
C LEU A 276 14.46 -12.41 9.79
N PRO A 277 15.36 -13.12 10.49
CA PRO A 277 15.02 -13.71 11.79
C PRO A 277 14.63 -12.64 12.79
N ARG A 278 13.78 -13.02 13.73
CA ARG A 278 13.25 -12.04 14.68
C ARG A 278 14.34 -11.38 15.51
N SER A 279 15.46 -12.07 15.70
CA SER A 279 16.54 -11.57 16.56
C SER A 279 17.55 -10.71 15.81
N ALA A 280 17.42 -10.54 14.50
CA ALA A 280 18.46 -9.90 13.73
C ALA A 280 18.55 -8.40 14.00
N GLU A 281 19.79 -7.92 14.14
CA GLU A 281 20.09 -6.50 14.24
C GLU A 281 21.16 -6.22 13.19
N VAL A 282 20.98 -5.13 12.43
CA VAL A 282 21.88 -4.86 11.31
C VAL A 282 22.43 -3.45 11.28
N TRP A 283 22.36 -2.76 12.42
CA TRP A 283 22.98 -1.46 12.52
C TRP A 283 24.51 -1.60 12.42
N PRO A 284 25.19 -0.56 11.95
CA PRO A 284 26.65 -0.62 11.89
C PRO A 284 27.24 -0.59 13.29
N PRO A 285 28.50 -1.01 13.43
CA PRO A 285 29.19 -0.89 14.72
C PRO A 285 29.25 0.54 15.20
N ARG A 286 29.14 0.71 16.53
CA ARG A 286 29.13 2.05 17.14
C ARG A 286 30.57 2.52 17.25
N GLU A 287 30.95 3.45 16.37
CA GLU A 287 32.33 3.97 16.36
C GLU A 287 32.60 4.79 17.62
C3' NHE B . 23.53 10.98 9.49
C2' NHE B . 22.51 10.02 10.10
C1' NHE B . 22.34 8.79 9.21
C6' NHE B . 23.63 8.01 9.06
N NHE B . 21.34 7.94 9.81
C1 NHE B . 20.10 8.23 9.12
C2 NHE B . 19.05 7.30 9.68
S NHE B . 17.49 7.96 9.18
O1 NHE B . 17.17 7.68 7.73
O2 NHE B . 17.48 9.49 9.19
O3 NHE B . 16.41 7.39 10.07
C5' NHE B . 24.71 8.91 8.47
C4' NHE B . 24.84 10.27 9.16
H3'1 NHE B . 23.71 11.69 10.13
H3'2 NHE B . 23.16 11.37 8.68
H2'1 NHE B . 22.81 9.74 10.98
H2'2 NHE B . 21.66 10.48 10.18
HC'1 NHE B . 22.04 9.07 8.33
H6'1 NHE B . 23.93 7.69 9.94
H6'2 NHE B . 23.49 7.25 8.47
HN NHE B . 21.55 7.08 9.73
HC11 NHE B . 20.21 8.08 8.16
HC12 NHE B . 19.84 9.15 9.26
HC21 NHE B . 19.17 6.40 9.33
HC22 NHE B . 19.11 7.26 10.64
H5'1 NHE B . 25.56 8.46 8.52
H5'2 NHE B . 24.49 9.06 7.53
H4'1 NHE B . 25.33 10.14 9.98
H4'2 NHE B . 25.35 10.86 8.58
C3' NHE C . -23.37 5.44 10.81
C2' NHE C . -22.58 5.08 12.07
C1' NHE C . -22.96 3.73 12.68
C6' NHE C . -22.80 2.63 11.62
N NHE C . -22.12 3.43 13.85
C1 NHE C . -22.16 4.56 14.77
C2 NHE C . -21.36 4.32 16.06
S NHE C . -21.58 2.62 16.67
O1 NHE C . -22.89 2.03 16.23
O2 NHE C . -20.40 1.79 16.21
O3 NHE C . -21.69 2.62 18.17
C5' NHE C . -23.52 2.92 10.30
C4' NHE C . -23.31 4.34 9.75
H3'1 NHE C . -24.29 5.59 11.06
H3'2 NHE C . -23.00 6.25 10.44
H2'1 NHE C . -21.64 5.06 11.85
H2'2 NHE C . -22.74 5.77 12.74
HC'1 NHE C . -23.86 3.74 12.99
H6'1 NHE C . -21.85 2.52 11.42
H6'2 NHE C . -23.15 1.80 11.97
HN NHE C . -21.28 3.30 13.59
HC11 NHE C . -21.78 5.33 14.32
HC12 NHE C . -23.07 4.74 15.01
HC21 NHE C . -21.66 4.94 16.74
HC22 NHE C . -20.41 4.46 15.88
H5'1 NHE C . -23.20 2.29 9.63
H5'2 NHE C . -24.47 2.79 10.43
H4'1 NHE C . -24.00 4.53 9.10
H4'2 NHE C . -22.44 4.38 9.31
ZN ZN D . -3.27 12.26 -3.00
S SO4 E . -16.78 -11.27 3.10
O1 SO4 E . -16.04 -10.55 2.04
O2 SO4 E . -17.91 -10.42 3.55
O3 SO4 E . -15.93 -11.56 4.26
O4 SO4 E . -17.27 -12.55 2.57
S SO4 F . -23.91 8.51 14.28
O1 SO4 F . -24.02 8.93 12.89
O2 SO4 F . -23.76 9.68 15.14
O3 SO4 F . -22.73 7.65 14.46
O4 SO4 F . -25.11 7.78 14.67
#